data_7E0B
#
_entry.id   7E0B
#
_cell.length_a   88.550
_cell.length_b   88.550
_cell.length_c   43.270
_cell.angle_alpha   90.000
_cell.angle_beta   90.000
_cell.angle_gamma   120.000
#
_symmetry.space_group_name_H-M   'H 3'
#
loop_
_entity.id
_entity.type
_entity.pdbx_description
1 polymer 'Sorting nexin-27'
2 polymer PBM
3 water water
#
loop_
_entity_poly.entity_id
_entity_poly.type
_entity_poly.pdbx_seq_one_letter_code
_entity_poly.pdbx_strand_id
1 'polypeptide(L)'
;GPRVVRIVKSESGYGFNVRGQVSEGGQLRSINGELYAPLQHVSAVLPGGAADRAGVRKGDRILEVNHVNVEGATHKQVVD
LIRAGEKELILTVLSV
;
A
2 'polypeptide(L)' DDVQTSF B
#
# COMPACT_ATOMS: atom_id res chain seq x y z
N GLY A 1 -8.29 -7.28 -11.45
CA GLY A 1 -6.88 -7.49 -11.75
C GLY A 1 -5.96 -6.47 -11.11
N PRO A 2 -4.71 -6.84 -10.86
CA PRO A 2 -3.76 -5.87 -10.32
C PRO A 2 -3.64 -4.67 -11.24
N ARG A 3 -3.47 -3.50 -10.63
CA ARG A 3 -3.22 -2.27 -11.37
C ARG A 3 -2.03 -1.56 -10.75
N VAL A 4 -1.42 -0.68 -11.54
CA VAL A 4 -0.18 0.00 -11.15
C VAL A 4 -0.45 1.50 -11.11
N VAL A 5 -0.08 2.13 -10.01
CA VAL A 5 -0.32 3.56 -9.79
C VAL A 5 1.01 4.23 -9.45
N ARG A 6 1.33 5.30 -10.17
CA ARG A 6 2.48 6.14 -9.88
C ARG A 6 2.02 7.33 -9.05
N ILE A 7 2.70 7.57 -7.93
CA ILE A 7 2.41 8.71 -7.08
C ILE A 7 3.69 9.50 -6.89
N VAL A 8 3.67 10.78 -7.26
CA VAL A 8 4.78 11.68 -7.03
C VAL A 8 4.58 12.34 -5.67
N LYS A 9 5.60 12.31 -4.83
CA LYS A 9 5.48 12.83 -3.48
C LYS A 9 5.47 14.35 -3.51
N SER A 10 4.49 14.94 -2.81
CA SER A 10 4.48 16.38 -2.63
CA SER A 10 4.46 16.38 -2.62
C SER A 10 5.32 16.76 -1.42
N GLU A 11 5.48 18.06 -1.22
CA GLU A 11 6.26 18.53 -0.07
C GLU A 11 5.61 18.16 1.25
N SER A 12 4.30 17.90 1.25
CA SER A 12 3.58 17.46 2.44
C SER A 12 3.44 15.94 2.50
N GLY A 13 3.94 15.20 1.50
CA GLY A 13 3.89 13.76 1.53
C GLY A 13 3.07 13.13 0.42
N TYR A 14 2.71 11.86 0.59
CA TYR A 14 1.92 11.13 -0.39
C TYR A 14 0.43 11.21 -0.12
N GLY A 15 0.02 11.41 1.13
CA GLY A 15 -1.39 11.56 1.44
C GLY A 15 -2.18 10.27 1.52
N PHE A 16 -1.62 9.22 2.11
CA PHE A 16 -2.38 8.00 2.34
C PHE A 16 -1.83 7.25 3.55
N ASN A 17 -2.67 6.41 4.12
CA ASN A 17 -2.31 5.55 5.25
C ASN A 17 -2.30 4.09 4.81
N VAL A 18 -1.45 3.29 5.45
CA VAL A 18 -1.36 1.86 5.22
C VAL A 18 -1.61 1.13 6.53
N ARG A 19 -2.46 0.10 6.49
CA ARG A 19 -2.76 -0.72 7.66
CA ARG A 19 -2.75 -0.72 7.66
C ARG A 19 -2.56 -2.19 7.30
N GLY A 20 -1.99 -2.95 8.23
CA GLY A 20 -1.78 -4.36 7.98
C GLY A 20 -1.09 -5.04 9.14
N GLN A 21 -0.75 -6.31 8.92
CA GLN A 21 -0.25 -7.16 10.00
C GLN A 21 1.13 -6.71 10.46
N VAL A 22 1.34 -6.74 11.78
CA VAL A 22 2.66 -6.47 12.34
C VAL A 22 3.62 -7.59 12.02
N SER A 23 3.19 -8.83 12.20
CA SER A 23 4.01 -10.01 12.03
C SER A 23 3.41 -10.90 10.94
N GLU A 24 4.23 -11.80 10.43
CA GLU A 24 3.74 -12.76 9.46
C GLU A 24 2.83 -13.78 10.12
N GLY A 25 1.96 -14.38 9.32
CA GLY A 25 1.10 -15.45 9.81
C GLY A 25 -0.39 -15.20 9.72
N GLY A 26 -0.79 -14.12 9.05
CA GLY A 26 -2.19 -13.79 8.94
C GLY A 26 -2.93 -14.73 8.01
N GLN A 27 -4.26 -14.58 8.00
CA GLN A 27 -5.12 -15.46 7.23
C GLN A 27 -4.97 -15.20 5.74
N LEU A 28 -5.16 -16.26 4.96
CA LEU A 28 -5.20 -16.14 3.51
C LEU A 28 -6.56 -15.61 3.07
N ARG A 29 -6.55 -14.89 1.96
CA ARG A 29 -7.80 -14.33 1.40
C ARG A 29 -7.82 -14.51 -0.12
N SER A 30 -9.01 -14.80 -0.64
CA SER A 30 -9.22 -14.98 -2.09
C SER A 30 -9.71 -13.64 -2.67
N ILE A 31 -9.01 -13.14 -3.69
CA ILE A 31 -9.36 -11.90 -4.36
C ILE A 31 -9.41 -12.18 -5.85
N ASN A 32 -10.55 -11.90 -6.48
CA ASN A 32 -10.76 -12.16 -7.90
C ASN A 32 -10.49 -13.62 -8.26
N GLY A 33 -10.80 -14.54 -7.35
CA GLY A 33 -10.59 -15.95 -7.58
C GLY A 33 -9.17 -16.44 -7.36
N GLU A 34 -8.27 -15.59 -6.89
CA GLU A 34 -6.88 -15.94 -6.66
C GLU A 34 -6.57 -15.85 -5.18
N LEU A 35 -5.82 -16.82 -4.67
CA LEU A 35 -5.50 -16.90 -3.25
C LEU A 35 -4.24 -16.10 -2.96
N TYR A 36 -4.27 -15.29 -1.91
CA TYR A 36 -3.15 -14.42 -1.55
C TYR A 36 -2.81 -14.56 -0.08
N ALA A 37 -1.51 -14.45 0.22
CA ALA A 37 -1.04 -14.26 1.58
C ALA A 37 -1.43 -12.85 2.03
N PRO A 38 -1.35 -12.56 3.33
CA PRO A 38 -1.82 -11.26 3.83
C PRO A 38 -1.24 -10.06 3.09
N LEU A 39 -2.12 -9.12 2.74
CA LEU A 39 -1.74 -7.91 2.03
C LEU A 39 -2.04 -6.70 2.90
N GLN A 40 -1.04 -5.84 3.08
CA GLN A 40 -1.29 -4.53 3.66
C GLN A 40 -2.23 -3.77 2.74
N HIS A 41 -3.04 -2.87 3.33
CA HIS A 41 -4.03 -2.18 2.53
C HIS A 41 -4.00 -0.68 2.81
N VAL A 42 -4.40 0.10 1.81
CA VAL A 42 -4.58 1.53 1.96
C VAL A 42 -5.83 1.75 2.81
N SER A 43 -5.64 2.27 4.01
CA SER A 43 -6.75 2.44 4.95
C SER A 43 -7.38 3.82 4.91
N ALA A 44 -6.70 4.80 4.32
CA ALA A 44 -7.25 6.14 4.21
C ALA A 44 -6.49 6.89 3.13
N VAL A 45 -7.19 7.78 2.45
CA VAL A 45 -6.61 8.63 1.42
C VAL A 45 -7.00 10.06 1.72
N LEU A 46 -6.01 10.94 1.79
CA LEU A 46 -6.27 12.36 2.03
C LEU A 46 -6.95 12.96 0.82
N PRO A 47 -8.16 13.52 0.96
CA PRO A 47 -8.82 14.12 -0.20
C PRO A 47 -7.99 15.25 -0.79
N GLY A 48 -7.76 15.19 -2.10
CA GLY A 48 -6.95 16.17 -2.79
C GLY A 48 -5.46 15.98 -2.66
N GLY A 49 -5.01 14.98 -1.91
CA GLY A 49 -3.59 14.69 -1.81
C GLY A 49 -3.06 14.02 -3.06
N ALA A 50 -1.75 13.74 -3.02
CA ALA A 50 -1.07 13.18 -4.20
C ALA A 50 -1.63 11.80 -4.54
N ALA A 51 -1.80 10.94 -3.54
CA ALA A 51 -2.32 9.60 -3.79
C ALA A 51 -3.74 9.66 -4.35
N ASP A 52 -4.58 10.51 -3.77
CA ASP A 52 -5.95 10.69 -4.25
C ASP A 52 -5.96 11.09 -5.72
N ARG A 53 -5.19 12.13 -6.07
CA ARG A 53 -5.20 12.61 -7.45
C ARG A 53 -4.61 11.60 -8.41
N ALA A 54 -3.71 10.73 -7.92
CA ALA A 54 -3.11 9.70 -8.76
C ALA A 54 -4.02 8.49 -8.96
N GLY A 55 -5.08 8.36 -8.17
CA GLY A 55 -6.01 7.27 -8.31
C GLY A 55 -5.92 6.17 -7.27
N VAL A 56 -5.13 6.36 -6.22
CA VAL A 56 -5.15 5.42 -5.10
C VAL A 56 -6.48 5.53 -4.38
N ARG A 57 -7.06 4.39 -4.04
CA ARG A 57 -8.37 4.36 -3.41
C ARG A 57 -8.32 3.61 -2.08
N LYS A 58 -9.17 4.04 -1.15
CA LYS A 58 -9.31 3.34 0.12
C LYS A 58 -9.64 1.87 -0.11
N GLY A 59 -8.98 1.01 0.64
CA GLY A 59 -9.15 -0.42 0.49
C GLY A 59 -8.20 -1.09 -0.48
N ASP A 60 -7.45 -0.32 -1.26
CA ASP A 60 -6.48 -0.90 -2.19
C ASP A 60 -5.51 -1.79 -1.43
N ARG A 61 -5.40 -3.05 -1.88
CA ARG A 61 -4.55 -4.03 -1.23
C ARG A 61 -3.23 -4.10 -1.98
N ILE A 62 -2.12 -3.94 -1.25
CA ILE A 62 -0.82 -3.69 -1.85
C ILE A 62 -0.10 -5.01 -2.13
N LEU A 63 0.13 -5.29 -3.42
CA LEU A 63 0.88 -6.47 -3.84
C LEU A 63 2.36 -6.19 -3.97
N GLU A 64 2.73 -5.00 -4.47
CA GLU A 64 4.12 -4.64 -4.69
C GLU A 64 4.33 -3.17 -4.41
N VAL A 65 5.52 -2.85 -3.92
CA VAL A 65 5.98 -1.48 -3.76
C VAL A 65 7.25 -1.34 -4.58
N ASN A 66 7.21 -0.47 -5.59
CA ASN A 66 8.34 -0.28 -6.50
C ASN A 66 8.82 -1.62 -7.06
N HIS A 67 7.86 -2.47 -7.42
CA HIS A 67 8.08 -3.77 -8.05
C HIS A 67 8.74 -4.78 -7.11
N VAL A 68 8.72 -4.52 -5.81
CA VAL A 68 9.15 -5.49 -4.81
C VAL A 68 7.90 -6.13 -4.23
N ASN A 69 7.82 -7.46 -4.31
CA ASN A 69 6.63 -8.16 -3.82
C ASN A 69 6.52 -8.02 -2.31
N VAL A 70 5.36 -7.58 -1.83
CA VAL A 70 5.11 -7.43 -0.41
C VAL A 70 3.94 -8.29 0.06
N GLU A 71 3.55 -9.28 -0.75
CA GLU A 71 2.54 -10.23 -0.31
C GLU A 71 3.08 -11.04 0.86
N GLY A 72 2.35 -11.04 1.97
CA GLY A 72 2.80 -11.73 3.17
C GLY A 72 3.86 -11.04 3.97
N ALA A 73 4.21 -9.80 3.62
CA ALA A 73 5.25 -9.07 4.31
C ALA A 73 4.73 -8.51 5.64
N THR A 74 5.67 -8.10 6.49
CA THR A 74 5.30 -7.40 7.71
C THR A 74 5.03 -5.93 7.41
N HIS A 75 4.37 -5.26 8.34
CA HIS A 75 4.08 -3.85 8.17
C HIS A 75 5.36 -3.04 8.02
N LYS A 76 6.35 -3.30 8.87
CA LYS A 76 7.60 -2.55 8.82
C LYS A 76 8.29 -2.72 7.48
N GLN A 77 8.24 -3.94 6.91
CA GLN A 77 8.87 -4.16 5.61
C GLN A 77 8.22 -3.30 4.52
N VAL A 78 6.90 -3.17 4.56
CA VAL A 78 6.21 -2.35 3.57
C VAL A 78 6.48 -0.87 3.81
N VAL A 79 6.46 -0.45 5.08
CA VAL A 79 6.76 0.94 5.41
C VAL A 79 8.14 1.33 4.91
N ASP A 80 9.14 0.48 5.17
CA ASP A 80 10.50 0.81 4.78
C ASP A 80 10.65 0.92 3.27
N LEU A 81 9.91 0.10 2.52
CA LEU A 81 9.98 0.15 1.07
C LEU A 81 9.35 1.42 0.52
N ILE A 82 8.25 1.87 1.13
CA ILE A 82 7.60 3.10 0.68
C ILE A 82 8.51 4.30 0.93
N ARG A 83 9.17 4.33 2.09
CA ARG A 83 10.04 5.46 2.39
CA ARG A 83 10.05 5.46 2.40
C ARG A 83 11.29 5.47 1.53
N ALA A 84 11.72 4.32 1.03
CA ALA A 84 12.87 4.27 0.13
C ALA A 84 12.56 4.84 -1.25
N GLY A 85 11.29 5.17 -1.52
CA GLY A 85 10.95 5.77 -2.80
C GLY A 85 11.65 7.09 -3.04
N GLU A 86 11.57 7.99 -2.05
CA GLU A 86 12.28 9.27 -2.10
C GLU A 86 11.87 10.10 -3.32
N LYS A 87 10.65 10.63 -3.22
CA LYS A 87 9.93 11.50 -4.17
C LYS A 87 9.16 10.77 -5.27
N GLU A 88 9.16 9.44 -5.33
CA GLU A 88 8.33 8.74 -6.29
C GLU A 88 8.00 7.35 -5.78
N LEU A 89 6.76 6.91 -6.01
CA LEU A 89 6.26 5.64 -5.50
C LEU A 89 5.45 4.95 -6.58
N ILE A 90 5.71 3.67 -6.77
CA ILE A 90 4.93 2.82 -7.67
C ILE A 90 4.25 1.75 -6.82
N LEU A 91 2.93 1.77 -6.81
CA LEU A 91 2.14 0.77 -6.07
C LEU A 91 1.44 -0.14 -7.06
N THR A 92 1.56 -1.45 -6.84
CA THR A 92 0.77 -2.45 -7.55
C THR A 92 -0.29 -2.94 -6.58
N VAL A 93 -1.56 -2.72 -6.91
CA VAL A 93 -2.64 -2.88 -5.95
C VAL A 93 -3.79 -3.69 -6.54
N LEU A 94 -4.59 -4.26 -5.64
CA LEU A 94 -5.87 -4.90 -5.98
C LEU A 94 -6.97 -4.08 -5.33
N SER A 95 -7.70 -3.33 -6.14
CA SER A 95 -8.76 -2.47 -5.62
C SER A 95 -9.99 -3.30 -5.24
N VAL A 96 -10.79 -2.74 -4.35
CA VAL A 96 -12.01 -3.40 -3.90
C VAL A 96 -13.14 -3.17 -4.88
N ASP B 1 -1.42 -8.42 15.42
CA ASP B 1 -2.41 -7.35 15.32
C ASP B 1 -2.21 -6.55 14.04
N ASP B 2 -3.09 -5.57 13.83
CA ASP B 2 -2.97 -4.64 12.71
C ASP B 2 -2.47 -3.29 13.21
N VAL B 3 -1.56 -2.70 12.43
CA VAL B 3 -0.97 -1.37 12.77
C VAL B 3 -1.10 -0.45 11.56
N GLN B 4 -0.99 0.85 11.80
CA GLN B 4 -1.22 1.87 10.79
C GLN B 4 -0.03 2.83 10.72
N THR B 5 0.29 3.28 9.51
CA THR B 5 1.32 4.29 9.29
C THR B 5 0.81 5.29 8.27
N SER B 6 1.15 6.57 8.47
CA SER B 6 0.74 7.65 7.59
C SER B 6 1.89 8.03 6.66
N PHE B 7 1.56 8.25 5.39
CA PHE B 7 2.55 8.66 4.38
C PHE B 7 2.13 9.94 3.67
#